data_5C5Z
#
_entry.id   5C5Z
#
_cell.length_a   57.628
_cell.length_b   66.364
_cell.length_c   69.873
_cell.angle_alpha   90.000
_cell.angle_beta   90.000
_cell.angle_gamma   90.000
#
_symmetry.space_group_name_H-M   'P 21 21 21'
#
loop_
_entity.id
_entity.type
_entity.pdbx_description
1 polymer 'Glutamyl-tRNA amidotransferase'
2 water water
#
_entity_poly.entity_id   1
_entity_poly.type   'polypeptide(L)'
_entity_poly.pdbx_seq_one_letter_code
;(MSE)TTTLLAVNGTL(MSE)RGLELNPN(MSE)QKAGGIFVREDRTDAHYRLWSINDRHPG(MSE)IRVNEGGTHVDVE
IWQLPLASFAALL(MSE)SEPAGLAIGKIKLADGSEVLGVLAENWLTEGQREITELGSWRKYTGHFHTVLEHHHHHH
;
_entity_poly.pdbx_strand_id   A,B
#
# COMPACT_ATOMS: atom_id res chain seq x y z
N THR A 2 -21.26 -3.44 4.46
CA THR A 2 -20.14 -3.47 5.38
C THR A 2 -19.04 -2.51 4.92
N THR A 3 -18.29 -1.95 5.88
CA THR A 3 -17.40 -0.85 5.58
C THR A 3 -16.01 -1.03 6.21
N THR A 4 -15.10 -0.17 5.80
CA THR A 4 -13.80 -0.04 6.46
C THR A 4 -13.49 1.45 6.61
N LEU A 5 -12.45 1.74 7.40
CA LEU A 5 -12.01 3.11 7.62
C LEU A 5 -10.69 3.37 6.93
N LEU A 6 -10.54 4.57 6.39
CA LEU A 6 -9.34 4.93 5.65
C LEU A 6 -8.92 6.35 5.99
N ALA A 7 -7.63 6.51 6.29
CA ALA A 7 -7.04 7.84 6.50
C ALA A 7 -6.50 8.36 5.18
N VAL A 8 -7.05 9.49 4.74
CA VAL A 8 -6.59 10.14 3.52
C VAL A 8 -5.96 11.50 3.85
N ASN A 9 -4.98 11.92 3.05
CA ASN A 9 -4.17 13.09 3.40
C ASN A 9 -4.10 14.14 2.28
N GLY A 10 -4.85 13.90 1.21
CA GLY A 10 -4.69 14.71 0.01
C GLY A 10 -6.01 15.04 -0.67
N THR A 11 -6.06 14.79 -1.98
CA THR A 11 -7.15 15.32 -2.80
C THR A 11 -8.48 14.57 -2.62
N LEU A 12 -8.46 13.52 -1.80
CA LEU A 12 -9.70 12.83 -1.43
C LEU A 12 -10.44 13.53 -0.29
N MSE A 13 -9.77 14.48 0.34
CA MSE A 13 -10.33 15.16 1.51
C MSE A 13 -11.46 16.11 1.10
O MSE A 13 -11.58 16.47 -0.07
CB MSE A 13 -9.26 15.92 2.29
CG MSE A 13 -8.19 15.02 2.92
SE MSE A 13 -6.98 16.00 4.09
CE MSE A 13 -6.20 17.22 2.80
N ARG A 14 -12.26 16.49 2.09
CA ARG A 14 -13.43 17.35 1.88
C ARG A 14 -13.11 18.54 0.98
N GLY A 15 -13.91 18.71 -0.08
CA GLY A 15 -13.78 19.88 -0.93
C GLY A 15 -12.69 19.83 -1.97
N LEU A 16 -11.86 18.79 -1.94
CA LEU A 16 -10.76 18.71 -2.88
C LEU A 16 -11.15 17.87 -4.09
N GLU A 17 -10.26 17.75 -5.08
CA GLU A 17 -10.70 17.38 -6.43
C GLU A 17 -11.24 15.95 -6.60
N LEU A 18 -10.77 15.01 -5.79
CA LEU A 18 -11.28 13.64 -5.88
C LEU A 18 -12.38 13.34 -4.85
N ASN A 19 -12.71 14.33 -4.03
CA ASN A 19 -13.75 14.14 -3.02
C ASN A 19 -15.16 13.81 -3.53
N PRO A 20 -15.60 14.42 -4.65
CA PRO A 20 -16.93 14.01 -5.10
C PRO A 20 -17.02 12.53 -5.47
N ASN A 21 -15.97 11.97 -6.06
CA ASN A 21 -15.96 10.54 -6.36
C ASN A 21 -16.01 9.72 -5.08
N MSE A 22 -15.30 10.20 -4.05
CA MSE A 22 -15.29 9.56 -2.76
C MSE A 22 -16.72 9.47 -2.19
O MSE A 22 -17.15 8.42 -1.74
CB MSE A 22 -14.38 10.30 -1.79
CG MSE A 22 -14.55 9.92 -0.33
SE MSE A 22 -13.92 8.12 0.08
CE MSE A 22 -12.15 8.56 0.63
N GLN A 23 -17.42 10.60 -2.23
CA GLN A 23 -18.80 10.66 -1.74
C GLN A 23 -19.75 9.77 -2.52
N LYS A 24 -19.66 9.81 -3.84
CA LYS A 24 -20.58 9.03 -4.66
C LYS A 24 -20.33 7.53 -4.61
N ALA A 25 -19.14 7.16 -4.12
CA ALA A 25 -18.77 5.76 -3.93
C ALA A 25 -19.11 5.27 -2.51
N GLY A 26 -19.84 6.08 -1.75
CA GLY A 26 -20.30 5.65 -0.44
C GLY A 26 -19.43 6.11 0.70
N GLY A 27 -18.43 6.94 0.43
CA GLY A 27 -17.57 7.44 1.49
C GLY A 27 -18.31 8.42 2.38
N ILE A 28 -18.17 8.25 3.70
CA ILE A 28 -18.71 9.20 4.67
C ILE A 28 -17.57 9.77 5.50
N PHE A 29 -17.54 11.09 5.64
CA PHE A 29 -16.56 11.76 6.48
C PHE A 29 -16.78 11.39 7.95
N VAL A 30 -15.73 10.92 8.59
CA VAL A 30 -15.80 10.55 10.00
C VAL A 30 -15.27 11.67 10.89
N ARG A 31 -14.04 12.11 10.64
CA ARG A 31 -13.42 13.15 11.45
C ARG A 31 -12.06 13.58 10.88
N GLU A 32 -11.61 14.76 11.27
CA GLU A 32 -10.22 15.14 11.08
C GLU A 32 -9.36 14.36 12.08
N ASP A 33 -8.13 14.08 11.70
CA ASP A 33 -7.22 13.45 12.65
C ASP A 33 -5.80 13.75 12.22
N ARG A 34 -4.83 13.13 12.89
CA ARG A 34 -3.44 13.25 12.46
C ARG A 34 -2.70 11.95 12.74
N THR A 35 -1.63 11.71 12.00
CA THR A 35 -0.82 10.54 12.23
C THR A 35 -0.04 10.72 13.52
N ASP A 36 0.64 9.64 13.96
CA ASP A 36 1.63 9.78 15.02
C ASP A 36 2.84 10.52 14.46
N ALA A 37 3.86 10.72 15.28
CA ALA A 37 4.96 11.60 14.89
C ALA A 37 6.02 10.89 14.06
N HIS A 38 5.59 10.03 13.15
CA HIS A 38 6.53 9.18 12.41
C HIS A 38 6.32 9.16 10.91
N TYR A 39 5.83 10.26 10.35
CA TYR A 39 5.64 10.36 8.91
C TYR A 39 6.40 11.51 8.27
N ARG A 40 7.01 11.22 7.13
CA ARG A 40 7.53 12.27 6.27
C ARG A 40 6.57 12.43 5.10
N LEU A 41 6.46 13.65 4.58
CA LEU A 41 5.43 14.00 3.62
C LEU A 41 6.07 14.69 2.44
N TRP A 42 5.61 14.35 1.24
CA TRP A 42 6.11 14.95 0.00
C TRP A 42 4.96 15.47 -0.85
N SER A 43 5.25 16.50 -1.64
CA SER A 43 4.36 16.91 -2.72
C SER A 43 4.80 16.19 -3.99
N ILE A 44 3.89 15.43 -4.59
CA ILE A 44 4.23 14.70 -5.80
C ILE A 44 3.80 15.54 -7.00
N ASN A 45 4.77 16.22 -7.61
CA ASN A 45 4.52 17.12 -8.73
C ASN A 45 3.48 18.20 -8.46
N ASP A 46 3.31 18.55 -7.19
CA ASP A 46 2.28 19.51 -6.76
C ASP A 46 0.87 19.10 -7.18
N ARG A 47 0.65 17.80 -7.38
CA ARG A 47 -0.68 17.32 -7.73
C ARG A 47 -1.36 16.59 -6.58
N HIS A 48 -0.57 15.87 -5.80
CA HIS A 48 -1.10 15.19 -4.62
C HIS A 48 0.04 14.90 -3.68
N PRO A 49 -0.27 14.64 -2.41
CA PRO A 49 0.80 14.32 -1.46
C PRO A 49 1.10 12.83 -1.40
N GLY A 50 2.21 12.50 -0.75
CA GLY A 50 2.57 11.12 -0.49
C GLY A 50 3.33 11.08 0.83
N MSE A 51 3.02 10.11 1.69
CA MSE A 51 3.73 10.02 2.96
C MSE A 51 4.32 8.64 3.23
O MSE A 51 3.82 7.62 2.73
CB MSE A 51 2.84 10.48 4.11
CG MSE A 51 1.78 9.48 4.55
SE MSE A 51 0.68 10.27 5.97
CE MSE A 51 -0.36 8.67 6.34
N ILE A 52 5.37 8.62 4.04
CA ILE A 52 6.12 7.40 4.36
C ILE A 52 6.41 7.35 5.85
N ARG A 53 6.23 6.18 6.44
CA ARG A 53 6.52 5.99 7.86
C ARG A 53 8.03 5.82 8.06
N VAL A 54 8.57 6.53 9.04
CA VAL A 54 10.00 6.48 9.35
C VAL A 54 10.22 6.36 10.85
N ASN A 55 11.37 5.80 11.24
CA ASN A 55 11.71 5.71 12.65
C ASN A 55 12.03 7.07 13.27
N GLU A 56 12.94 7.81 12.66
CA GLU A 56 13.25 9.16 13.13
C GLU A 56 13.10 10.14 11.97
N GLY A 57 12.89 11.41 12.30
CA GLY A 57 12.81 12.45 11.30
C GLY A 57 11.42 12.80 10.81
N GLY A 58 10.40 12.13 11.34
CA GLY A 58 9.04 12.38 10.88
C GLY A 58 8.26 13.35 11.74
N THR A 59 7.01 13.59 11.37
CA THR A 59 6.13 14.48 12.09
C THR A 59 4.69 13.96 12.05
N HIS A 60 3.80 14.68 12.72
CA HIS A 60 2.36 14.44 12.61
C HIS A 60 1.84 15.02 11.30
N VAL A 61 1.19 14.19 10.48
CA VAL A 61 0.59 14.64 9.23
C VAL A 61 -0.93 14.71 9.40
N ASP A 62 -1.54 15.81 8.96
CA ASP A 62 -2.99 15.93 9.03
C ASP A 62 -3.66 14.99 8.04
N VAL A 63 -4.72 14.34 8.51
CA VAL A 63 -5.50 13.43 7.66
C VAL A 63 -6.99 13.64 7.89
N GLU A 64 -7.81 13.01 7.04
CA GLU A 64 -9.22 12.84 7.33
C GLU A 64 -9.51 11.35 7.36
N ILE A 65 -10.33 10.94 8.33
CA ILE A 65 -10.81 9.57 8.39
C ILE A 65 -12.12 9.48 7.63
N TRP A 66 -12.18 8.53 6.71
CA TRP A 66 -13.38 8.29 5.91
C TRP A 66 -13.84 6.86 6.04
N GLN A 67 -15.15 6.66 6.11
CA GLN A 67 -15.71 5.33 6.16
C GLN A 67 -16.23 4.98 4.77
N LEU A 68 -15.82 3.85 4.24
CA LEU A 68 -16.31 3.53 2.90
C LEU A 68 -16.62 2.05 2.72
N PRO A 69 -17.57 1.77 1.81
CA PRO A 69 -17.93 0.38 1.55
C PRO A 69 -16.72 -0.42 1.09
N LEU A 70 -16.72 -1.71 1.40
CA LEU A 70 -15.58 -2.57 1.11
C LEU A 70 -15.15 -2.50 -0.35
N ALA A 71 -16.10 -2.63 -1.29
CA ALA A 71 -15.75 -2.59 -2.70
C ALA A 71 -15.17 -1.23 -3.14
N SER A 72 -15.61 -0.15 -2.50
CA SER A 72 -15.11 1.18 -2.83
C SER A 72 -13.66 1.34 -2.42
N PHE A 73 -13.28 0.65 -1.35
CA PHE A 73 -11.89 0.63 -0.95
C PHE A 73 -10.99 0.03 -2.05
N ALA A 74 -11.41 -1.10 -2.60
CA ALA A 74 -10.68 -1.70 -3.71
C ALA A 74 -10.69 -0.82 -4.97
N ALA A 75 -11.80 -0.12 -5.21
CA ALA A 75 -11.87 0.80 -6.34
C ALA A 75 -10.80 1.89 -6.23
N LEU A 76 -10.53 2.34 -5.01
CA LEU A 76 -9.48 3.32 -4.79
C LEU A 76 -8.07 2.72 -5.03
N LEU A 77 -7.86 1.48 -4.62
CA LEU A 77 -6.61 0.80 -4.95
C LEU A 77 -6.37 0.82 -6.46
N MSE A 78 -7.46 0.63 -7.21
CA MSE A 78 -7.36 0.60 -8.66
C MSE A 78 -7.19 1.98 -9.30
O MSE A 78 -6.51 2.10 -10.32
CB MSE A 78 -8.60 -0.07 -9.26
CG MSE A 78 -8.73 -1.54 -8.89
SE MSE A 78 -10.31 -2.37 -9.62
CE MSE A 78 -10.13 -1.81 -11.48
N SER A 79 -7.78 3.01 -8.71
CA SER A 79 -7.76 4.32 -9.34
C SER A 79 -6.58 5.18 -8.92
N GLU A 80 -6.09 4.98 -7.69
CA GLU A 80 -5.03 5.86 -7.19
C GLU A 80 -3.77 5.70 -8.05
N PRO A 81 -3.07 6.82 -8.28
CA PRO A 81 -1.90 6.78 -9.17
C PRO A 81 -0.84 5.82 -8.70
N ALA A 82 -0.13 5.23 -9.65
CA ALA A 82 1.00 4.38 -9.33
C ALA A 82 1.96 5.12 -8.42
N GLY A 83 2.46 4.41 -7.42
CA GLY A 83 3.33 5.01 -6.43
C GLY A 83 2.62 5.24 -5.11
N LEU A 84 1.29 5.29 -5.14
CA LEU A 84 0.51 5.31 -3.91
C LEU A 84 0.07 3.89 -3.58
N ALA A 85 -0.05 3.59 -2.30
CA ALA A 85 -0.43 2.25 -1.86
C ALA A 85 -1.22 2.43 -0.58
N ILE A 86 -1.98 1.41 -0.19
CA ILE A 86 -2.69 1.46 1.08
C ILE A 86 -2.08 0.45 2.04
N GLY A 87 -1.74 0.92 3.23
CA GLY A 87 -1.23 0.08 4.29
C GLY A 87 -1.81 0.49 5.62
N LYS A 88 -1.14 0.09 6.70
CA LYS A 88 -1.60 0.45 8.03
C LYS A 88 -0.82 1.63 8.55
N ILE A 89 -1.52 2.62 9.08
CA ILE A 89 -0.83 3.74 9.70
C ILE A 89 -1.19 3.86 11.17
N LYS A 90 -0.39 4.63 11.90
CA LYS A 90 -0.68 4.93 13.29
C LYS A 90 -1.14 6.37 13.41
N LEU A 91 -2.19 6.60 14.20
CA LEU A 91 -2.67 7.95 14.46
C LEU A 91 -2.05 8.51 15.73
N ALA A 92 -2.23 9.81 15.94
CA ALA A 92 -1.67 10.49 17.11
C ALA A 92 -2.10 9.86 18.42
N ASP A 93 -3.33 9.34 18.46
CA ASP A 93 -3.85 8.73 19.69
C ASP A 93 -3.33 7.32 19.94
N GLY A 94 -2.52 6.81 19.03
CA GLY A 94 -1.92 5.50 19.17
C GLY A 94 -2.63 4.38 18.44
N SER A 95 -3.82 4.66 17.93
CA SER A 95 -4.58 3.62 17.24
C SER A 95 -4.09 3.41 15.82
N GLU A 96 -4.52 2.31 15.21
CA GLU A 96 -4.11 1.96 13.87
C GLU A 96 -5.32 2.05 12.96
N VAL A 97 -5.11 2.50 11.73
CA VAL A 97 -6.16 2.56 10.72
C VAL A 97 -5.50 2.37 9.36
N LEU A 98 -6.23 1.87 8.37
CA LEU A 98 -5.70 1.82 7.01
C LEU A 98 -5.47 3.25 6.53
N GLY A 99 -4.43 3.46 5.74
CA GLY A 99 -4.12 4.79 5.24
C GLY A 99 -3.33 4.74 3.94
N VAL A 100 -3.45 5.79 3.14
CA VAL A 100 -2.72 5.88 1.89
C VAL A 100 -1.29 6.34 2.12
N LEU A 101 -0.36 5.57 1.57
CA LEU A 101 1.08 5.81 1.70
C LEU A 101 1.68 6.00 0.31
N ALA A 102 2.90 6.53 0.26
CA ALA A 102 3.69 6.54 -0.97
C ALA A 102 4.78 5.50 -0.92
N GLU A 103 5.05 4.88 -2.07
CA GLU A 103 6.28 4.11 -2.26
C GLU A 103 7.47 5.05 -2.31
N ASN A 104 8.63 4.56 -1.86
CA ASN A 104 9.85 5.36 -1.89
C ASN A 104 10.12 5.98 -3.24
N TRP A 105 9.98 5.18 -4.31
CA TRP A 105 10.40 5.63 -5.64
C TRP A 105 9.67 6.90 -6.06
N LEU A 106 8.41 7.03 -5.64
CA LEU A 106 7.58 8.14 -6.05
C LEU A 106 8.06 9.47 -5.46
N THR A 107 8.79 9.40 -4.35
CA THR A 107 9.24 10.62 -3.67
C THR A 107 10.57 11.15 -4.22
N GLU A 108 11.26 10.34 -5.00
CA GLU A 108 12.59 10.73 -5.46
C GLU A 108 12.51 11.94 -6.36
N GLY A 109 13.28 12.98 -6.00
CA GLY A 109 13.29 14.23 -6.73
C GLY A 109 12.18 15.19 -6.35
N GLN A 110 11.26 14.73 -5.51
CA GLN A 110 10.09 15.54 -5.18
C GLN A 110 10.33 16.38 -3.93
N ARG A 111 9.54 17.44 -3.79
CA ARG A 111 9.67 18.34 -2.65
C ARG A 111 9.14 17.70 -1.38
N GLU A 112 9.98 17.67 -0.34
CA GLU A 112 9.55 17.22 0.97
C GLU A 112 8.93 18.38 1.73
N ILE A 113 7.73 18.17 2.26
CA ILE A 113 6.96 19.21 2.93
C ILE A 113 6.61 18.80 4.36
N THR A 114 7.44 17.93 4.92
CA THR A 114 7.28 17.41 6.29
C THR A 114 7.07 18.50 7.35
N GLU A 115 7.84 19.59 7.28
CA GLU A 115 7.68 20.67 8.27
C GLU A 115 6.26 21.24 8.30
N LEU A 116 5.67 21.42 7.11
CA LEU A 116 4.28 21.90 7.05
C LEU A 116 3.30 20.88 7.63
N GLY A 117 3.53 19.61 7.31
CA GLY A 117 2.74 18.52 7.86
C GLY A 117 1.31 18.42 7.34
N SER A 118 1.02 19.18 6.29
CA SER A 118 -0.35 19.31 5.84
C SER A 118 -0.40 19.68 4.37
N TRP A 119 -1.11 18.88 3.60
CA TRP A 119 -1.38 19.18 2.21
C TRP A 119 -2.20 20.48 2.07
N ARG A 120 -3.16 20.68 2.98
CA ARG A 120 -3.97 21.90 2.94
C ARG A 120 -3.13 23.15 3.12
N LYS A 121 -2.21 23.11 4.08
CA LYS A 121 -1.34 24.25 4.32
C LYS A 121 -0.43 24.50 3.13
N TYR A 122 0.04 23.44 2.49
CA TYR A 122 0.95 23.57 1.36
C TYR A 122 0.25 24.17 0.14
N THR A 123 -0.97 23.73 -0.13
CA THR A 123 -1.70 24.18 -1.31
C THR A 123 -2.53 25.43 -1.02
N GLY A 124 -2.75 25.72 0.24
CA GLY A 124 -3.59 26.84 0.64
C GLY A 124 -5.05 26.61 0.35
N HIS A 125 -5.49 25.35 0.38
CA HIS A 125 -6.90 25.05 0.16
C HIS A 125 -7.55 24.55 1.44
N PHE A 126 -8.35 25.41 2.06
CA PHE A 126 -8.90 25.12 3.37
C PHE A 126 -10.40 24.83 3.38
N HIS A 127 -10.82 24.19 4.46
CA HIS A 127 -12.23 23.86 4.72
C HIS A 127 -12.52 24.59 6.03
N THR A 128 -13.74 25.09 6.22
CA THR A 128 -14.02 25.83 7.45
C THR A 128 -14.97 25.11 8.38
N MSE B 1 -18.37 -10.52 -6.79
CA MSE B 1 -18.76 -10.64 -8.19
C MSE B 1 -18.03 -9.66 -9.12
O MSE B 1 -17.57 -10.07 -10.18
CB MSE B 1 -20.29 -10.61 -8.36
CG MSE B 1 -20.80 -10.24 -9.76
SE MSE B 1 -20.96 -11.71 -11.04
CE MSE B 1 -21.71 -10.72 -12.54
N THR B 2 -17.88 -8.39 -8.75
CA THR B 2 -16.83 -7.67 -9.45
C THR B 2 -15.50 -7.96 -8.74
N THR B 3 -14.45 -8.12 -9.52
CA THR B 3 -13.17 -8.61 -9.03
C THR B 3 -12.06 -7.80 -9.63
N THR B 4 -10.87 -7.97 -9.07
CA THR B 4 -9.67 -7.59 -9.78
C THR B 4 -8.53 -8.51 -9.35
N LEU B 5 -7.34 -8.27 -9.88
CA LEU B 5 -6.22 -9.19 -9.68
C LEU B 5 -5.26 -8.65 -8.64
N LEU B 6 -4.60 -9.57 -7.93
CA LEU B 6 -3.59 -9.22 -6.95
C LEU B 6 -2.39 -10.14 -7.09
N ALA B 7 -1.19 -9.55 -7.17
CA ALA B 7 0.06 -10.32 -7.19
C ALA B 7 0.61 -10.47 -5.79
N VAL B 8 0.81 -11.72 -5.36
CA VAL B 8 1.35 -12.02 -4.04
C VAL B 8 2.68 -12.74 -4.21
N ASN B 9 3.63 -12.45 -3.32
CA ASN B 9 4.99 -12.96 -3.46
C ASN B 9 5.43 -13.82 -2.28
N GLY B 10 4.52 -14.06 -1.34
CA GLY B 10 4.90 -14.63 -0.06
C GLY B 10 3.91 -15.61 0.53
N THR B 11 3.56 -15.40 1.80
CA THR B 11 2.83 -16.44 2.52
C THR B 11 1.35 -16.57 2.13
N LEU B 12 0.84 -15.69 1.27
CA LEU B 12 -0.49 -15.89 0.69
C LEU B 12 -0.49 -16.86 -0.49
N MSE B 13 0.70 -17.22 -0.99
CA MSE B 13 0.80 -18.12 -2.12
C MSE B 13 0.31 -19.53 -1.81
O MSE B 13 0.23 -19.92 -0.64
CB MSE B 13 2.24 -18.17 -2.66
CG MSE B 13 2.68 -16.86 -3.30
SE MSE B 13 4.40 -17.03 -4.21
CE MSE B 13 5.49 -17.58 -2.68
N ARG B 14 0.00 -20.28 -2.87
CA ARG B 14 -0.48 -21.65 -2.75
C ARG B 14 0.31 -22.47 -1.74
N GLY B 15 -0.40 -23.08 -0.80
CA GLY B 15 0.21 -24.01 0.14
C GLY B 15 0.98 -23.38 1.29
N LEU B 16 1.13 -22.06 1.28
CA LEU B 16 1.88 -21.40 2.34
C LEU B 16 0.96 -20.94 3.46
N GLU B 17 1.53 -20.47 4.56
CA GLU B 17 0.78 -20.42 5.81
C GLU B 17 -0.41 -19.46 5.85
N LEU B 18 -0.39 -18.40 5.03
CA LEU B 18 -1.52 -17.47 5.02
C LEU B 18 -2.48 -17.70 3.87
N ASN B 19 -2.19 -18.71 3.04
CA ASN B 19 -3.08 -19.05 1.93
C ASN B 19 -4.54 -19.31 2.32
N PRO B 20 -4.81 -19.88 3.52
CA PRO B 20 -6.23 -19.98 3.88
C PRO B 20 -6.94 -18.63 3.93
N ASN B 21 -6.26 -17.56 4.30
CA ASN B 21 -6.85 -16.21 4.23
C ASN B 21 -7.24 -15.84 2.80
N MSE B 22 -6.38 -16.20 1.86
CA MSE B 22 -6.64 -15.95 0.45
C MSE B 22 -7.85 -16.74 -0.05
O MSE B 22 -8.72 -16.20 -0.75
CB MSE B 22 -5.39 -16.31 -0.37
CG MSE B 22 -5.58 -16.18 -1.87
SE MSE B 22 -6.01 -14.38 -2.47
CE MSE B 22 -4.20 -13.72 -2.69
N GLN B 23 -7.93 -18.01 0.34
CA GLN B 23 -9.05 -18.84 -0.05
C GLN B 23 -10.36 -18.32 0.54
N LYS B 24 -10.34 -18.01 1.84
CA LYS B 24 -11.52 -17.50 2.54
C LYS B 24 -12.00 -16.15 2.00
N ALA B 25 -11.07 -15.37 1.48
CA ALA B 25 -11.37 -14.10 0.82
C ALA B 25 -12.04 -14.30 -0.54
N GLY B 26 -12.15 -15.54 -1.00
CA GLY B 26 -12.75 -15.79 -2.30
C GLY B 26 -11.73 -15.70 -3.42
N GLY B 27 -10.46 -15.79 -3.08
CA GLY B 27 -9.41 -15.70 -4.09
C GLY B 27 -9.34 -16.95 -4.93
N ILE B 28 -9.15 -16.77 -6.23
CA ILE B 28 -8.96 -17.89 -7.15
C ILE B 28 -7.57 -17.75 -7.78
N PHE B 29 -6.79 -18.82 -7.74
CA PHE B 29 -5.47 -18.80 -8.36
C PHE B 29 -5.57 -18.67 -9.87
N VAL B 30 -4.83 -17.72 -10.43
CA VAL B 30 -4.86 -17.49 -11.87
C VAL B 30 -3.64 -18.09 -12.55
N ARG B 31 -2.45 -17.67 -12.12
CA ARG B 31 -1.23 -18.12 -12.77
C ARG B 31 0.01 -17.71 -11.97
N GLU B 32 1.13 -18.37 -12.26
CA GLU B 32 2.43 -17.91 -11.79
C GLU B 32 2.89 -16.78 -12.69
N ASP B 33 3.68 -15.85 -12.14
CA ASP B 33 4.21 -14.75 -12.94
C ASP B 33 5.45 -14.20 -12.25
N ARG B 34 5.98 -13.11 -12.77
CA ARG B 34 7.14 -12.44 -12.17
C ARG B 34 6.98 -10.96 -12.35
N THR B 35 7.53 -10.18 -11.43
CA THR B 35 7.60 -8.73 -11.59
C THR B 35 8.54 -8.37 -12.74
N ASP B 36 8.55 -7.10 -13.13
CA ASP B 36 9.63 -6.60 -13.98
C ASP B 36 10.91 -6.53 -13.15
N ALA B 37 12.00 -6.06 -13.75
CA ALA B 37 13.31 -6.19 -13.12
C ALA B 37 13.64 -5.04 -12.19
N HIS B 38 12.64 -4.57 -11.46
CA HIS B 38 12.84 -3.38 -10.65
C HIS B 38 12.40 -3.55 -9.20
N TYR B 39 12.50 -4.77 -8.68
CA TYR B 39 12.12 -5.03 -7.29
C TYR B 39 13.29 -5.58 -6.49
N ARG B 40 13.46 -5.03 -5.29
CA ARG B 40 14.35 -5.64 -4.31
C ARG B 40 13.49 -6.36 -3.30
N LEU B 41 14.01 -7.45 -2.76
CA LEU B 41 13.24 -8.38 -1.94
C LEU B 41 13.98 -8.66 -0.64
N TRP B 42 13.24 -8.66 0.47
CA TRP B 42 13.81 -8.94 1.78
C TRP B 42 13.08 -10.08 2.47
N SER B 43 13.80 -10.81 3.31
CA SER B 43 13.18 -11.76 4.22
C SER B 43 12.90 -11.04 5.52
N ILE B 44 11.63 -10.96 5.90
CA ILE B 44 11.27 -10.28 7.14
C ILE B 44 11.22 -11.31 8.27
N ASN B 45 12.31 -11.34 9.07
CA ASN B 45 12.44 -12.30 10.17
C ASN B 45 12.32 -13.76 9.74
N ASP B 46 12.62 -14.04 8.47
CA ASP B 46 12.42 -15.37 7.89
C ASP B 46 10.98 -15.89 8.05
N ARG B 47 10.02 -14.98 8.23
CA ARG B 47 8.61 -15.39 8.33
C ARG B 47 7.85 -15.15 7.03
N HIS B 48 8.17 -14.05 6.34
CA HIS B 48 7.51 -13.71 5.09
C HIS B 48 8.39 -12.70 4.35
N PRO B 49 8.19 -12.56 3.05
CA PRO B 49 9.01 -11.61 2.30
C PRO B 49 8.39 -10.21 2.24
N GLY B 50 9.17 -9.26 1.76
CA GLY B 50 8.68 -7.91 1.49
C GLY B 50 9.47 -7.34 0.33
N MSE B 51 8.80 -6.69 -0.62
CA MSE B 51 9.49 -6.14 -1.77
C MSE B 51 9.20 -4.67 -1.99
O MSE B 51 8.14 -4.17 -1.60
CB MSE B 51 9.20 -6.95 -3.05
CG MSE B 51 7.87 -6.69 -3.71
SE MSE B 51 7.67 -7.83 -5.26
CE MSE B 51 6.02 -7.05 -5.88
N ILE B 52 10.15 -3.99 -2.61
CA ILE B 52 10.10 -2.55 -2.83
C ILE B 52 10.56 -2.26 -4.26
N ARG B 53 9.84 -1.38 -4.95
CA ARG B 53 10.20 -1.00 -6.30
C ARG B 53 11.34 0.02 -6.25
N VAL B 54 12.35 -0.18 -7.10
CA VAL B 54 13.51 0.71 -7.15
C VAL B 54 13.87 1.04 -8.59
N ASN B 55 14.54 2.18 -8.78
CA ASN B 55 14.95 2.54 -10.12
C ASN B 55 16.15 1.75 -10.62
N GLU B 56 17.23 1.74 -9.85
CA GLU B 56 18.35 0.88 -10.21
C GLU B 56 18.51 -0.24 -9.20
N GLY B 57 19.10 -1.33 -9.63
CA GLY B 57 19.12 -2.52 -8.84
C GLY B 57 17.74 -3.14 -8.95
N GLY B 58 17.53 -4.21 -8.21
CA GLY B 58 16.28 -4.91 -8.31
C GLY B 58 16.36 -6.02 -9.34
N THR B 59 15.41 -6.91 -9.25
CA THR B 59 15.36 -8.07 -10.11
C THR B 59 13.92 -8.45 -10.34
N HIS B 60 13.73 -9.51 -11.13
CA HIS B 60 12.42 -10.14 -11.28
C HIS B 60 12.11 -10.96 -10.05
N VAL B 61 10.97 -10.67 -9.40
CA VAL B 61 10.54 -11.43 -8.24
C VAL B 61 9.35 -12.32 -8.61
N ASP B 62 9.43 -13.61 -8.26
CA ASP B 62 8.35 -14.55 -8.54
C ASP B 62 7.11 -14.18 -7.74
N VAL B 63 5.95 -14.23 -8.40
CA VAL B 63 4.68 -13.97 -7.74
C VAL B 63 3.63 -14.98 -8.19
N GLU B 64 2.50 -14.97 -7.51
CA GLU B 64 1.29 -15.62 -8.02
C GLU B 64 0.23 -14.55 -8.24
N ILE B 65 -0.52 -14.70 -9.32
CA ILE B 65 -1.63 -13.81 -9.60
C ILE B 65 -2.91 -14.49 -9.15
N TRP B 66 -3.69 -13.77 -8.34
CA TRP B 66 -4.97 -14.28 -7.82
C TRP B 66 -6.09 -13.33 -8.18
N GLN B 67 -7.27 -13.88 -8.45
CA GLN B 67 -8.45 -13.05 -8.67
C GLN B 67 -9.26 -12.98 -7.38
N LEU B 68 -9.58 -11.76 -6.96
CA LEU B 68 -10.26 -11.51 -5.68
C LEU B 68 -11.45 -10.61 -5.86
N PRO B 69 -12.55 -10.90 -5.15
CA PRO B 69 -13.66 -9.94 -5.12
C PRO B 69 -13.18 -8.57 -4.61
N LEU B 70 -13.64 -7.49 -5.22
CA LEU B 70 -13.30 -6.16 -4.74
C LEU B 70 -13.57 -6.02 -3.25
N ALA B 71 -14.69 -6.58 -2.79
CA ALA B 71 -15.08 -6.44 -1.39
C ALA B 71 -14.15 -7.14 -0.41
N SER B 72 -13.23 -7.97 -0.91
CA SER B 72 -12.36 -8.74 -0.03
C SER B 72 -11.02 -8.11 0.30
N PHE B 73 -10.62 -7.10 -0.46
CA PHE B 73 -9.29 -6.50 -0.28
C PHE B 73 -9.02 -5.90 1.09
N ALA B 74 -9.99 -5.18 1.66
CA ALA B 74 -9.77 -4.55 2.96
C ALA B 74 -9.45 -5.55 4.07
N ALA B 75 -10.27 -6.59 4.18
CA ALA B 75 -10.05 -7.58 5.23
C ALA B 75 -8.75 -8.35 4.99
N LEU B 76 -8.44 -8.64 3.74
CA LEU B 76 -7.23 -9.39 3.44
C LEU B 76 -6.02 -8.58 3.87
N LEU B 77 -6.01 -7.29 3.53
CA LEU B 77 -4.92 -6.41 3.91
C LEU B 77 -4.81 -6.30 5.43
N MSE B 78 -5.95 -6.13 6.10
CA MSE B 78 -5.95 -6.07 7.56
C MSE B 78 -5.31 -7.28 8.21
O MSE B 78 -4.63 -7.17 9.22
CB MSE B 78 -7.38 -5.91 8.06
CG MSE B 78 -7.91 -4.54 7.88
SE MSE B 78 -6.88 -3.27 8.92
CE MSE B 78 -8.41 -2.12 9.36
N SER B 79 -5.51 -8.45 7.60
CA SER B 79 -4.98 -9.70 8.14
C SER B 79 -3.51 -9.91 7.80
N GLU B 80 -2.95 -9.06 6.94
CA GLU B 80 -1.56 -9.20 6.51
C GLU B 80 -0.56 -8.84 7.62
N PRO B 81 0.66 -9.40 7.55
CA PRO B 81 1.75 -9.04 8.45
C PRO B 81 2.01 -7.53 8.49
N ALA B 82 2.47 -7.03 9.62
CA ALA B 82 2.78 -5.61 9.78
C ALA B 82 3.77 -5.14 8.71
N GLY B 83 3.57 -3.91 8.24
CA GLY B 83 4.49 -3.31 7.29
C GLY B 83 4.25 -3.62 5.83
N LEU B 84 3.19 -4.37 5.53
CA LEU B 84 2.83 -4.69 4.15
C LEU B 84 1.66 -3.81 3.69
N ALA B 85 1.65 -3.49 2.40
CA ALA B 85 0.67 -2.59 1.82
C ALA B 85 0.29 -3.15 0.44
N ILE B 86 -0.76 -2.61 -0.15
CA ILE B 86 -1.12 -2.99 -1.52
C ILE B 86 -1.06 -1.76 -2.41
N GLY B 87 -0.33 -1.86 -3.52
CA GLY B 87 -0.28 -0.79 -4.50
C GLY B 87 -0.17 -1.36 -5.89
N LYS B 88 0.29 -0.57 -6.85
CA LYS B 88 0.42 -1.05 -8.22
C LYS B 88 1.84 -1.51 -8.50
N ILE B 89 1.98 -2.67 -9.13
CA ILE B 89 3.29 -3.17 -9.54
C ILE B 89 3.31 -3.42 -11.02
N LYS B 90 4.51 -3.62 -11.58
CA LYS B 90 4.65 -3.99 -12.98
C LYS B 90 5.16 -5.41 -13.08
N LEU B 91 4.58 -6.19 -14.00
CA LEU B 91 5.02 -7.55 -14.25
C LEU B 91 6.06 -7.57 -15.37
N ALA B 92 6.73 -8.71 -15.53
CA ALA B 92 7.78 -8.85 -16.55
C ALA B 92 7.27 -8.54 -17.95
N ASP B 93 6.01 -8.87 -18.21
CA ASP B 93 5.43 -8.65 -19.54
C ASP B 93 5.11 -7.19 -19.79
N GLY B 94 5.22 -6.35 -18.77
CA GLY B 94 4.95 -4.92 -18.90
C GLY B 94 3.60 -4.49 -18.39
N SER B 95 2.75 -5.45 -18.04
CA SER B 95 1.42 -5.14 -17.53
C SER B 95 1.48 -4.63 -16.09
N GLU B 96 0.43 -3.94 -15.68
CA GLU B 96 0.30 -3.42 -14.32
C GLU B 96 -0.79 -4.19 -13.60
N VAL B 97 -0.50 -4.59 -12.36
CA VAL B 97 -1.49 -5.24 -11.52
C VAL B 97 -1.30 -4.75 -10.09
N LEU B 98 -2.33 -4.88 -9.26
CA LEU B 98 -2.13 -4.63 -7.84
C LEU B 98 -1.20 -5.68 -7.27
N GLY B 99 -0.40 -5.31 -6.28
CA GLY B 99 0.51 -6.25 -5.65
C GLY B 99 0.84 -5.86 -4.22
N VAL B 100 1.26 -6.86 -3.45
CA VAL B 100 1.67 -6.65 -2.07
C VAL B 100 3.11 -6.16 -2.00
N LEU B 101 3.28 -5.04 -1.31
CA LEU B 101 4.54 -4.31 -1.20
C LEU B 101 4.91 -4.14 0.26
N ALA B 102 6.20 -3.96 0.53
CA ALA B 102 6.64 -3.64 1.88
C ALA B 102 6.93 -2.16 2.03
N GLU B 103 6.58 -1.62 3.20
CA GLU B 103 7.06 -0.31 3.58
C GLU B 103 8.57 -0.35 3.87
N ASN B 104 9.25 0.75 3.55
CA ASN B 104 10.68 0.90 3.83
C ASN B 104 11.11 0.46 5.22
N TRP B 105 10.38 0.89 6.24
CA TRP B 105 10.78 0.64 7.62
C TRP B 105 10.86 -0.84 7.94
N LEU B 106 10.04 -1.65 7.27
CA LEU B 106 9.97 -3.07 7.56
C LEU B 106 11.26 -3.81 7.17
N THR B 107 12.01 -3.26 6.21
CA THR B 107 13.21 -3.91 5.71
C THR B 107 14.46 -3.61 6.54
N GLU B 108 14.38 -2.63 7.44
CA GLU B 108 15.55 -2.26 8.22
C GLU B 108 15.96 -3.41 9.14
N GLY B 109 17.26 -3.75 9.13
CA GLY B 109 17.75 -4.86 9.91
C GLY B 109 17.41 -6.25 9.36
N GLN B 110 16.91 -6.29 8.13
CA GLN B 110 16.49 -7.56 7.53
C GLN B 110 17.36 -7.96 6.34
N ARG B 111 17.42 -9.26 6.08
CA ARG B 111 18.29 -9.79 5.03
C ARG B 111 17.70 -9.57 3.64
N GLU B 112 18.46 -8.92 2.76
CA GLU B 112 18.03 -8.76 1.38
C GLU B 112 18.26 -10.07 0.62
N ILE B 113 17.21 -10.56 -0.02
CA ILE B 113 17.26 -11.83 -0.75
C ILE B 113 17.02 -11.65 -2.25
N THR B 114 17.15 -10.41 -2.71
CA THR B 114 17.04 -10.06 -4.13
C THR B 114 17.80 -11.03 -5.05
N GLU B 115 19.01 -11.40 -4.68
CA GLU B 115 19.79 -12.28 -5.55
C GLU B 115 19.12 -13.63 -5.87
N LEU B 116 18.24 -14.10 -4.99
CA LEU B 116 17.50 -15.32 -5.23
C LEU B 116 16.19 -15.08 -6.02
N GLY B 117 15.56 -13.92 -5.80
CA GLY B 117 14.38 -13.53 -6.56
C GLY B 117 13.10 -14.27 -6.22
N SER B 118 13.15 -15.14 -5.23
CA SER B 118 11.97 -15.92 -4.93
C SER B 118 11.92 -16.34 -3.48
N TRP B 119 10.79 -16.08 -2.86
CA TRP B 119 10.54 -16.54 -1.50
C TRP B 119 10.59 -18.07 -1.43
N ARG B 120 10.01 -18.75 -2.41
CA ARG B 120 10.04 -20.21 -2.42
C ARG B 120 11.46 -20.77 -2.44
N LYS B 121 12.30 -20.22 -3.33
CA LYS B 121 13.69 -20.66 -3.43
C LYS B 121 14.44 -20.40 -2.12
N TYR B 122 14.22 -19.23 -1.53
CA TYR B 122 14.91 -18.86 -0.31
C TYR B 122 14.58 -19.78 0.85
N THR B 123 13.30 -20.10 0.99
CA THR B 123 12.84 -20.91 2.11
C THR B 123 12.92 -22.41 1.83
N GLY B 124 12.96 -22.77 0.55
CA GLY B 124 12.86 -24.17 0.17
C GLY B 124 11.44 -24.71 0.33
N HIS B 125 10.46 -23.82 0.25
CA HIS B 125 9.05 -24.21 0.32
C HIS B 125 8.47 -24.24 -1.08
N PHE B 126 8.69 -25.35 -1.78
CA PHE B 126 8.26 -25.45 -3.17
C PHE B 126 6.85 -25.99 -3.28
N HIS B 127 6.26 -25.82 -4.46
CA HIS B 127 4.89 -26.25 -4.70
C HIS B 127 4.85 -27.52 -5.54
#